data_5AI0
#
_entry.id   5AI0
#
_cell.length_a   92.914
_cell.length_b   92.914
_cell.length_c   244.486
_cell.angle_alpha   90.00
_cell.angle_beta   90.00
_cell.angle_gamma   120.00
#
_symmetry.space_group_name_H-M   'P 65 2 2'
#
loop_
_entity.id
_entity.type
_entity.pdbx_description
1 polymer 'BIFUNCTIONAL EPOXIDE HYDROLASE 2'
2 non-polymer DI(HYDROXYETHYL)ETHER
3 non-polymer 'SULFATE ION'
4 non-polymer 'DIMETHYL SULFOXIDE'
5 non-polymer 4-PHENYL-1,2,5-OXADIAZOL-3-AMINE
6 water water
#
_entity_poly.entity_id   1
_entity_poly.type   'polypeptide(L)'
_entity_poly.pdbx_seq_one_letter_code
;GMTLRAAVFDLDGVLALPAVFGVLGRTEEALALPRGLLNDAFQKGGPEGATTRLMKGEITLSQWIPLMEENCRKCSETAK
VCLPKNFSIKEIFDKAISARKINRPMLQAALMLRKKGFTTAILTNTWLDDRAERDGLAQLMCELKMHFDFLIESCQVGMV
KPEPQIYKFLLDTLKASPSEVVFLDDIGANLKPARDLGMVTILVQDTDTALKELEKVTGIQLLNTPAPLPTSCNPSDMSH
GYVTVKPRVRLHFVELGSGPAVCLCHGFPESWYSWRYQIPALAQAGYRVLAMDMKGYGESSAPPEIEEYCMEVLCKEMVT
FLDKLGLSQAVFIGHDWGGMLVWYMALFYPERVRAVASLNTPFIPANPNMSPLESIKANPVFDYQLYFQEPGVAEAELEQ
NLSRTFKSLFRASDESVLSMHKVCEAGGLFVNSPEEPSLSRMVTEEEIQFYVQQFKKSGFRGPLNWYRNMERNWKWACKS
LGRKILIPALMVTAEKDFVLVPQMSQHMEDWIPHLKRGHIEDCGHWTQMDKPTEVNQILIKWLDSDARN
;
_entity_poly.pdbx_strand_id   A
#
loop_
_chem_comp.id
_chem_comp.type
_chem_comp.name
_chem_comp.formula
DMS non-polymer 'DIMETHYL SULFOXIDE' 'C2 H6 O S'
JF6 non-polymer 4-PHENYL-1,2,5-OXADIAZOL-3-AMINE 'C8 H7 N3 O'
PEG non-polymer DI(HYDROXYETHYL)ETHER 'C4 H10 O3'
SO4 non-polymer 'SULFATE ION' 'O4 S -2'
#
# COMPACT_ATOMS: atom_id res chain seq x y z
N THR A 3 14.92 -10.90 29.00
CA THR A 3 13.70 -10.60 28.26
C THR A 3 14.03 -9.85 26.95
N LEU A 4 13.79 -10.51 25.80
CA LEU A 4 14.05 -9.92 24.49
C LEU A 4 13.03 -8.84 24.16
N ARG A 5 13.51 -7.75 23.55
CA ARG A 5 12.64 -6.66 23.09
C ARG A 5 13.15 -6.02 21.79
N ALA A 6 14.16 -6.63 21.16
CA ALA A 6 14.74 -6.16 19.91
C ALA A 6 15.20 -7.30 19.02
N ALA A 7 14.87 -7.22 17.72
CA ALA A 7 15.28 -8.23 16.75
C ALA A 7 16.02 -7.59 15.60
N VAL A 8 17.20 -8.14 15.28
CA VAL A 8 18.09 -7.63 14.24
C VAL A 8 18.27 -8.69 13.19
N PHE A 9 18.07 -8.31 11.93
CA PHE A 9 18.19 -9.18 10.79
C PHE A 9 19.22 -8.74 9.80
N ASP A 10 19.97 -9.69 9.26
CA ASP A 10 20.90 -9.39 8.18
C ASP A 10 20.05 -9.26 6.90
N LEU A 11 20.60 -8.69 5.84
CA LEU A 11 19.90 -8.57 4.56
C LEU A 11 20.19 -9.78 3.65
N ASP A 12 21.43 -9.91 3.14
CA ASP A 12 21.80 -11.01 2.22
C ASP A 12 21.69 -12.38 2.90
N GLY A 13 20.87 -13.26 2.34
CA GLY A 13 20.64 -14.59 2.89
C GLY A 13 19.66 -14.69 4.05
N VAL A 14 19.13 -13.56 4.56
CA VAL A 14 18.17 -13.56 5.68
C VAL A 14 16.88 -12.88 5.22
N LEU A 15 16.89 -11.55 5.02
CA LEU A 15 15.66 -10.85 4.56
C LEU A 15 15.47 -10.89 3.06
N ALA A 16 16.54 -11.24 2.32
CA ALA A 16 16.55 -11.29 0.87
C ALA A 16 17.28 -12.53 0.35
N LEU A 17 16.66 -13.23 -0.63
CA LEU A 17 17.15 -14.48 -1.23
C LEU A 17 16.96 -14.55 -2.76
N PRO A 18 17.80 -15.33 -3.52
CA PRO A 18 19.00 -16.02 -3.06
C PRO A 18 20.11 -15.03 -2.74
N ALA A 19 20.95 -15.35 -1.74
CA ALA A 19 22.08 -14.53 -1.34
C ALA A 19 22.94 -14.17 -2.57
N VAL A 20 23.27 -12.86 -2.73
CA VAL A 20 24.13 -12.35 -3.82
C VAL A 20 25.49 -13.10 -3.74
N PHE A 21 25.93 -13.43 -2.50
CA PHE A 21 27.13 -14.22 -2.19
C PHE A 21 27.05 -15.61 -2.85
N GLY A 22 25.86 -16.22 -2.81
CA GLY A 22 25.55 -17.54 -3.38
C GLY A 22 25.84 -17.73 -4.86
N VAL A 23 25.85 -16.63 -5.64
CA VAL A 23 26.14 -16.65 -7.08
C VAL A 23 27.58 -17.01 -7.40
N LEU A 24 28.53 -16.71 -6.48
CA LEU A 24 29.94 -17.01 -6.71
C LEU A 24 30.19 -18.51 -6.89
N GLY A 25 29.55 -19.33 -6.03
CA GLY A 25 29.62 -20.78 -6.08
C GLY A 25 28.95 -21.32 -7.33
N ARG A 26 27.77 -20.74 -7.67
CA ARG A 26 26.97 -21.08 -8.84
C ARG A 26 27.72 -20.79 -10.13
N THR A 27 28.34 -19.60 -10.24
CA THR A 27 29.12 -19.18 -11.40
C THR A 27 30.32 -20.11 -11.62
N GLU A 28 31.03 -20.46 -10.53
CA GLU A 28 32.17 -21.37 -10.57
C GLU A 28 31.75 -22.69 -11.22
N GLU A 29 30.64 -23.30 -10.73
CA GLU A 29 30.08 -24.56 -11.19
C GLU A 29 29.66 -24.49 -12.65
N ALA A 30 28.88 -23.44 -13.03
CA ALA A 30 28.40 -23.20 -14.40
C ALA A 30 29.53 -23.02 -15.41
N LEU A 31 30.65 -22.38 -14.99
CA LEU A 31 31.78 -22.14 -15.87
C LEU A 31 32.90 -23.16 -15.72
N ALA A 32 32.68 -24.20 -14.88
CA ALA A 32 33.65 -25.27 -14.59
C ALA A 32 34.99 -24.70 -14.09
N LEU A 33 34.93 -23.60 -13.32
CA LEU A 33 36.11 -22.99 -12.74
C LEU A 33 36.50 -23.78 -11.47
N PRO A 34 37.78 -23.77 -11.04
CA PRO A 34 38.14 -24.42 -9.76
C PRO A 34 37.25 -23.91 -8.62
N ARG A 35 36.83 -24.84 -7.75
CA ARG A 35 35.96 -24.57 -6.62
C ARG A 35 36.54 -23.47 -5.71
N GLY A 36 35.65 -22.56 -5.31
CA GLY A 36 35.96 -21.43 -4.43
C GLY A 36 36.85 -20.33 -5.00
N LEU A 37 37.20 -20.37 -6.31
CA LEU A 37 38.06 -19.34 -6.94
C LEU A 37 37.43 -17.94 -6.82
N LEU A 38 36.17 -17.79 -7.27
CA LEU A 38 35.48 -16.51 -7.24
C LEU A 38 35.23 -16.02 -5.83
N ASN A 39 34.91 -16.94 -4.89
CA ASN A 39 34.70 -16.59 -3.49
C ASN A 39 36.01 -16.14 -2.83
N ASP A 40 37.18 -16.51 -3.43
CA ASP A 40 38.54 -16.17 -2.98
C ASP A 40 38.95 -14.79 -3.46
N ALA A 41 38.65 -14.48 -4.74
CA ALA A 41 38.95 -13.20 -5.36
C ALA A 41 38.12 -12.13 -4.65
N PHE A 42 36.88 -12.50 -4.26
CA PHE A 42 35.95 -11.64 -3.55
C PHE A 42 36.47 -11.25 -2.16
N GLN A 43 36.90 -12.24 -1.36
CA GLN A 43 37.38 -11.96 -0.01
C GLN A 43 38.89 -11.61 0.08
N LYS A 44 39.59 -11.56 -1.08
CA LYS A 44 41.02 -11.28 -1.19
C LYS A 44 41.53 -10.06 -0.39
N GLY A 45 42.55 -10.31 0.44
CA GLY A 45 43.20 -9.28 1.25
C GLY A 45 42.52 -8.97 2.57
N GLY A 46 41.43 -9.69 2.85
CA GLY A 46 40.62 -9.54 4.06
C GLY A 46 40.27 -8.11 4.41
N PRO A 47 40.58 -7.67 5.65
CA PRO A 47 40.25 -6.29 6.07
C PRO A 47 40.93 -5.17 5.29
N GLU A 48 42.06 -5.46 4.65
CA GLU A 48 42.83 -4.49 3.87
C GLU A 48 42.43 -4.51 2.37
N GLY A 49 41.71 -5.57 1.96
CA GLY A 49 41.31 -5.77 0.58
C GLY A 49 40.22 -4.86 0.03
N ALA A 50 40.06 -4.90 -1.30
CA ALA A 50 39.08 -4.12 -2.08
C ALA A 50 37.64 -4.25 -1.58
N THR A 51 37.20 -5.48 -1.23
CA THR A 51 35.84 -5.73 -0.77
C THR A 51 35.53 -5.06 0.56
N THR A 52 36.48 -5.07 1.53
CA THR A 52 36.24 -4.41 2.81
C THR A 52 36.15 -2.88 2.60
N ARG A 53 36.97 -2.34 1.67
CA ARG A 53 36.97 -0.90 1.33
C ARG A 53 35.59 -0.51 0.75
N LEU A 54 35.05 -1.37 -0.14
CA LEU A 54 33.72 -1.24 -0.73
C LEU A 54 32.67 -1.23 0.40
N MET A 55 32.68 -2.27 1.24
CA MET A 55 31.70 -2.40 2.33
C MET A 55 31.77 -1.28 3.38
N LYS A 56 32.95 -0.65 3.59
CA LYS A 56 33.05 0.47 4.53
C LYS A 56 32.68 1.81 3.88
N GLY A 57 32.40 1.79 2.58
CA GLY A 57 32.04 2.99 1.83
C GLY A 57 33.21 3.83 1.36
N GLU A 58 34.44 3.26 1.35
CA GLU A 58 35.62 4.00 0.89
C GLU A 58 35.57 4.21 -0.60
N ILE A 59 34.99 3.24 -1.32
CA ILE A 59 34.86 3.25 -2.78
C ILE A 59 33.42 2.79 -3.12
N THR A 60 32.97 3.10 -4.33
CA THR A 60 31.66 2.71 -4.83
C THR A 60 31.74 1.36 -5.53
N LEU A 61 30.60 0.75 -5.81
CA LEU A 61 30.54 -0.52 -6.51
C LEU A 61 31.21 -0.49 -7.91
N SER A 62 31.01 0.59 -8.67
CA SER A 62 31.63 0.73 -10.00
C SER A 62 33.16 0.83 -9.94
N GLN A 63 33.69 1.43 -8.86
CA GLN A 63 35.14 1.48 -8.67
C GLN A 63 35.67 0.09 -8.25
N TRP A 64 34.85 -0.69 -7.55
CA TRP A 64 35.21 -2.03 -7.04
C TRP A 64 35.31 -3.08 -8.14
N ILE A 65 34.43 -3.01 -9.16
CA ILE A 65 34.39 -3.95 -10.30
C ILE A 65 35.78 -4.23 -10.93
N PRO A 66 36.59 -3.23 -11.40
CA PRO A 66 37.92 -3.56 -11.95
C PRO A 66 38.90 -4.15 -10.93
N LEU A 67 38.75 -3.81 -9.62
CA LEU A 67 39.61 -4.37 -8.56
C LEU A 67 39.28 -5.86 -8.32
N MET A 68 37.98 -6.23 -8.35
CA MET A 68 37.54 -7.61 -8.20
C MET A 68 38.03 -8.44 -9.40
N GLU A 69 37.99 -7.82 -10.60
CA GLU A 69 38.45 -8.38 -11.87
C GLU A 69 39.93 -8.77 -11.76
N GLU A 70 40.76 -7.83 -11.21
CA GLU A 70 42.18 -8.02 -10.97
C GLU A 70 42.41 -9.19 -10.00
N ASN A 71 41.61 -9.26 -8.91
CA ASN A 71 41.70 -10.35 -7.93
C ASN A 71 41.37 -11.71 -8.54
N CYS A 72 40.40 -11.75 -9.48
CA CYS A 72 39.96 -12.97 -10.17
C CYS A 72 41.07 -13.60 -11.01
N ARG A 73 41.91 -12.76 -11.62
CA ARG A 73 43.04 -13.21 -12.40
C ARG A 73 44.15 -13.74 -11.51
N LYS A 74 44.52 -12.97 -10.47
CA LYS A 74 45.56 -13.33 -9.51
C LYS A 74 45.27 -14.71 -8.88
N CYS A 75 43.97 -15.00 -8.60
CA CYS A 75 43.52 -16.29 -8.06
C CYS A 75 43.64 -17.37 -9.15
N SER A 76 43.15 -17.08 -10.39
CA SER A 76 43.21 -17.99 -11.54
C SER A 76 44.65 -18.38 -11.93
N GLU A 77 45.59 -17.39 -11.88
CA GLU A 77 47.01 -17.58 -12.19
C GLU A 77 47.67 -18.55 -11.21
N THR A 78 47.36 -18.40 -9.91
CA THR A 78 47.87 -19.25 -8.82
C THR A 78 47.33 -20.69 -8.98
N ALA A 79 46.04 -20.82 -9.34
CA ALA A 79 45.32 -22.09 -9.54
C ALA A 79 45.61 -22.78 -10.89
N LYS A 80 46.41 -22.13 -11.79
CA LYS A 80 46.80 -22.61 -13.13
C LYS A 80 45.62 -22.89 -14.06
N VAL A 81 44.64 -21.99 -14.01
CA VAL A 81 43.41 -22.05 -14.80
C VAL A 81 43.23 -20.73 -15.52
N CYS A 82 42.52 -20.75 -16.65
CA CYS A 82 42.25 -19.55 -17.41
C CYS A 82 40.76 -19.23 -17.33
N LEU A 83 40.43 -17.97 -16.97
CA LEU A 83 39.05 -17.49 -16.89
C LEU A 83 38.43 -17.52 -18.29
N PRO A 84 37.13 -17.89 -18.47
CA PRO A 84 36.55 -17.92 -19.83
C PRO A 84 36.66 -16.57 -20.55
N LYS A 85 36.75 -16.60 -21.88
CA LYS A 85 36.92 -15.43 -22.77
C LYS A 85 36.00 -14.21 -22.48
N ASN A 86 34.68 -14.44 -22.40
CA ASN A 86 33.65 -13.41 -22.20
C ASN A 86 33.31 -13.11 -20.71
N PHE A 87 34.24 -13.43 -19.78
CA PHE A 87 34.08 -13.23 -18.34
C PHE A 87 33.79 -11.79 -17.94
N SER A 88 32.65 -11.59 -17.26
CA SER A 88 32.22 -10.27 -16.80
C SER A 88 31.69 -10.26 -15.38
N ILE A 89 32.45 -9.63 -14.46
CA ILE A 89 32.09 -9.44 -13.06
C ILE A 89 30.85 -8.57 -12.99
N LYS A 90 30.78 -7.51 -13.85
CA LYS A 90 29.60 -6.64 -13.90
C LYS A 90 28.35 -7.45 -14.21
N GLU A 91 28.39 -8.29 -15.29
CA GLU A 91 27.25 -9.10 -15.70
C GLU A 91 26.82 -10.09 -14.62
N ILE A 92 27.80 -10.76 -13.98
CA ILE A 92 27.54 -11.70 -12.88
C ILE A 92 26.83 -10.99 -11.70
N PHE A 93 27.34 -9.82 -11.29
CA PHE A 93 26.74 -9.10 -10.16
C PHE A 93 25.39 -8.44 -10.50
N ASP A 94 25.22 -7.94 -11.74
CA ASP A 94 23.97 -7.36 -12.23
C ASP A 94 22.86 -8.41 -12.12
N LYS A 95 23.13 -9.63 -12.62
CA LYS A 95 22.21 -10.76 -12.62
C LYS A 95 21.91 -11.23 -11.19
N ALA A 96 22.93 -11.34 -10.33
CA ALA A 96 22.78 -11.75 -8.92
C ALA A 96 21.89 -10.77 -8.12
N ILE A 97 22.13 -9.45 -8.26
CA ILE A 97 21.37 -8.40 -7.56
C ILE A 97 19.91 -8.39 -8.03
N SER A 98 19.70 -8.48 -9.36
CA SER A 98 18.39 -8.50 -10.00
C SER A 98 17.56 -9.73 -9.58
N ALA A 99 18.21 -10.88 -9.32
CA ALA A 99 17.53 -12.12 -8.95
C ALA A 99 17.13 -12.16 -7.48
N ARG A 100 17.81 -11.37 -6.62
CA ARG A 100 17.56 -11.33 -5.20
C ARG A 100 16.22 -10.68 -4.89
N LYS A 101 15.40 -11.38 -4.11
CA LYS A 101 14.06 -10.93 -3.74
C LYS A 101 13.87 -11.05 -2.27
N ILE A 102 12.90 -10.29 -1.75
CA ILE A 102 12.54 -10.30 -0.35
C ILE A 102 12.11 -11.69 0.04
N ASN A 103 12.58 -12.13 1.22
CA ASN A 103 12.24 -13.39 1.83
C ASN A 103 10.96 -13.11 2.62
N ARG A 104 9.81 -13.23 1.95
CA ARG A 104 8.50 -12.91 2.51
C ARG A 104 8.17 -13.52 3.87
N PRO A 105 8.39 -14.85 4.16
CA PRO A 105 8.15 -15.34 5.52
C PRO A 105 9.06 -14.69 6.58
N MET A 106 10.30 -14.30 6.21
CA MET A 106 11.24 -13.64 7.16
C MET A 106 10.71 -12.24 7.45
N LEU A 107 10.31 -11.49 6.38
CA LEU A 107 9.71 -10.18 6.57
C LEU A 107 8.44 -10.28 7.44
N GLN A 108 7.59 -11.30 7.20
CA GLN A 108 6.35 -11.50 8.00
C GLN A 108 6.66 -11.65 9.48
N ALA A 109 7.72 -12.43 9.82
CA ALA A 109 8.14 -12.65 11.20
C ALA A 109 8.59 -11.31 11.83
N ALA A 110 9.43 -10.52 11.13
CA ALA A 110 9.87 -9.20 11.60
C ALA A 110 8.67 -8.29 11.85
N LEU A 111 7.68 -8.28 10.93
CA LEU A 111 6.45 -7.50 11.09
C LEU A 111 5.66 -7.89 12.33
N MET A 112 5.53 -9.19 12.59
CA MET A 112 4.84 -9.74 13.74
C MET A 112 5.54 -9.32 15.05
N LEU A 113 6.88 -9.45 15.12
CA LEU A 113 7.67 -9.06 16.30
C LEU A 113 7.48 -7.58 16.60
N ARG A 114 7.54 -6.71 15.55
CA ARG A 114 7.31 -5.27 15.73
C ARG A 114 5.88 -4.98 16.22
N LYS A 115 4.87 -5.70 15.69
CA LYS A 115 3.46 -5.57 16.06
C LYS A 115 3.28 -5.89 17.55
N LYS A 116 4.10 -6.81 18.09
CA LYS A 116 4.10 -7.25 19.48
C LYS A 116 4.97 -6.37 20.42
N GLY A 117 5.50 -5.26 19.89
CA GLY A 117 6.27 -4.31 20.67
C GLY A 117 7.78 -4.35 20.56
N PHE A 118 8.33 -5.27 19.75
CA PHE A 118 9.76 -5.36 19.53
C PHE A 118 10.28 -4.20 18.70
N THR A 119 11.52 -3.76 18.99
CA THR A 119 12.20 -2.76 18.17
C THR A 119 12.90 -3.63 17.13
N THR A 120 12.78 -3.32 15.83
CA THR A 120 13.42 -4.14 14.82
C THR A 120 14.41 -3.36 14.02
N ALA A 121 15.46 -4.02 13.54
CA ALA A 121 16.49 -3.40 12.74
C ALA A 121 17.05 -4.33 11.71
N ILE A 122 17.56 -3.74 10.65
CA ILE A 122 18.32 -4.43 9.61
C ILE A 122 19.77 -3.95 9.83
N LEU A 123 20.70 -4.91 9.95
CA LEU A 123 22.12 -4.57 10.03
C LEU A 123 22.77 -5.30 8.87
N THR A 124 23.41 -4.56 7.96
CA THR A 124 23.94 -5.17 6.76
C THR A 124 25.27 -4.63 6.27
N ASN A 125 26.10 -5.56 5.73
CA ASN A 125 27.33 -5.24 5.05
C ASN A 125 26.91 -5.00 3.60
N THR A 126 26.88 -3.73 3.20
CA THR A 126 26.45 -3.35 1.87
C THR A 126 27.36 -2.28 1.23
N TRP A 127 27.03 -1.90 0.00
CA TRP A 127 27.84 -0.98 -0.81
C TRP A 127 27.07 0.25 -1.30
N LEU A 128 27.84 1.22 -1.80
CA LEU A 128 27.34 2.43 -2.46
C LEU A 128 27.21 2.07 -3.92
N ASP A 129 25.97 1.89 -4.37
CA ASP A 129 25.66 1.42 -5.71
C ASP A 129 25.45 2.53 -6.71
N ASP A 130 26.43 2.70 -7.60
CA ASP A 130 26.39 3.68 -8.68
C ASP A 130 26.27 3.02 -10.05
N ARG A 131 25.84 1.75 -10.10
CA ARG A 131 25.67 1.10 -11.42
C ARG A 131 24.49 1.71 -12.18
N ALA A 132 24.51 1.64 -13.51
CA ALA A 132 23.39 2.13 -14.33
C ALA A 132 22.06 1.48 -13.90
N GLU A 133 22.10 0.24 -13.38
CA GLU A 133 20.93 -0.54 -12.92
C GLU A 133 20.64 -0.44 -11.40
N ARG A 134 21.31 0.50 -10.68
CA ARG A 134 21.15 0.70 -9.22
C ARG A 134 19.70 0.83 -8.72
N ASP A 135 18.76 1.35 -9.54
CA ASP A 135 17.35 1.51 -9.14
C ASP A 135 16.65 0.23 -8.62
N GLY A 136 16.99 -0.93 -9.19
CA GLY A 136 16.41 -2.21 -8.77
C GLY A 136 16.64 -2.46 -7.29
N LEU A 137 17.91 -2.25 -6.86
CA LEU A 137 18.32 -2.40 -5.47
C LEU A 137 17.72 -1.28 -4.61
N ALA A 138 17.66 -0.02 -5.13
CA ALA A 138 17.07 1.08 -4.36
C ALA A 138 15.59 0.73 -4.06
N GLN A 139 14.88 0.17 -5.04
CA GLN A 139 13.49 -0.23 -4.87
C GLN A 139 13.34 -1.32 -3.78
N LEU A 140 14.24 -2.32 -3.78
CA LEU A 140 14.22 -3.42 -2.81
C LEU A 140 14.45 -2.87 -1.42
N MET A 141 15.47 -2.00 -1.27
CA MET A 141 15.78 -1.42 0.02
C MET A 141 14.62 -0.58 0.54
N CYS A 142 13.94 0.16 -0.36
CA CYS A 142 12.79 0.97 0.05
C CYS A 142 11.65 0.12 0.53
N GLU A 143 11.33 -0.95 -0.21
CA GLU A 143 10.23 -1.82 0.16
C GLU A 143 10.47 -2.45 1.54
N LEU A 144 11.71 -2.89 1.78
CA LEU A 144 12.07 -3.53 3.05
C LEU A 144 12.15 -2.60 4.26
N LYS A 145 12.92 -1.50 4.16
CA LYS A 145 13.23 -0.63 5.30
C LYS A 145 12.08 0.02 6.00
N MET A 146 10.98 0.28 5.25
CA MET A 146 9.75 0.89 5.78
C MET A 146 9.16 0.12 6.94
N HIS A 147 9.46 -1.20 7.01
CA HIS A 147 8.93 -2.12 8.02
C HIS A 147 9.76 -2.23 9.27
N PHE A 148 10.89 -1.51 9.34
CA PHE A 148 11.83 -1.60 10.46
C PHE A 148 12.08 -0.25 11.15
N ASP A 149 12.45 -0.31 12.44
CA ASP A 149 12.79 0.90 13.19
C ASP A 149 14.12 1.48 12.74
N PHE A 150 15.08 0.64 12.37
CA PHE A 150 16.42 1.07 11.94
C PHE A 150 16.99 0.25 10.80
N LEU A 151 17.78 0.92 9.98
CA LEU A 151 18.55 0.32 8.92
C LEU A 151 19.97 0.79 9.13
N ILE A 152 20.88 -0.15 9.39
CA ILE A 152 22.29 0.18 9.60
C ILE A 152 23.06 -0.45 8.49
N GLU A 153 23.64 0.38 7.61
CA GLU A 153 24.40 -0.07 6.46
C GLU A 153 25.88 0.20 6.70
N SER A 154 26.72 -0.84 6.56
CA SER A 154 28.17 -0.73 6.73
C SER A 154 28.80 0.45 5.97
N CYS A 155 28.43 0.65 4.68
CA CYS A 155 28.99 1.71 3.83
C CYS A 155 28.61 3.13 4.26
N GLN A 156 27.57 3.24 5.08
CA GLN A 156 27.14 4.55 5.61
C GLN A 156 27.78 4.83 6.98
N VAL A 157 28.11 3.77 7.72
CA VAL A 157 28.70 3.90 9.06
C VAL A 157 30.23 3.73 9.11
N GLY A 158 30.84 3.36 7.99
CA GLY A 158 32.28 3.14 7.84
C GLY A 158 32.83 1.98 8.67
N MET A 159 31.97 1.01 9.02
CA MET A 159 32.30 -0.15 9.86
C MET A 159 31.69 -1.38 9.24
N VAL A 160 32.29 -2.54 9.41
CA VAL A 160 31.72 -3.76 8.83
C VAL A 160 31.62 -4.87 9.86
N LYS A 161 30.72 -5.84 9.61
CA LYS A 161 30.68 -7.05 10.44
C LYS A 161 31.85 -7.86 9.87
N PRO A 162 32.69 -8.56 10.67
CA PRO A 162 32.59 -8.85 12.10
C PRO A 162 33.30 -7.91 13.07
N GLU A 163 33.71 -6.68 12.64
CA GLU A 163 34.41 -5.73 13.52
C GLU A 163 33.60 -5.46 14.79
N PRO A 164 34.20 -5.54 15.99
CA PRO A 164 33.40 -5.39 17.23
C PRO A 164 32.63 -4.06 17.39
N GLN A 165 33.17 -2.95 16.84
CA GLN A 165 32.58 -1.61 16.93
C GLN A 165 31.17 -1.48 16.33
N ILE A 166 30.90 -2.22 15.25
CA ILE A 166 29.57 -2.17 14.61
C ILE A 166 28.47 -2.72 15.53
N TYR A 167 28.81 -3.72 16.38
CA TYR A 167 27.89 -4.33 17.35
C TYR A 167 27.62 -3.40 18.50
N LYS A 168 28.66 -2.65 18.97
CA LYS A 168 28.46 -1.67 20.02
C LYS A 168 27.61 -0.51 19.45
N PHE A 169 27.82 -0.16 18.16
CA PHE A 169 27.06 0.87 17.42
C PHE A 169 25.58 0.43 17.31
N LEU A 170 25.35 -0.85 16.98
CA LEU A 170 24.00 -1.42 16.89
C LEU A 170 23.29 -1.28 18.25
N LEU A 171 23.97 -1.72 19.34
CA LEU A 171 23.39 -1.64 20.70
C LEU A 171 23.09 -0.22 21.14
N ASP A 172 23.96 0.73 20.78
CA ASP A 172 23.75 2.14 21.10
C ASP A 172 22.52 2.64 20.36
N THR A 173 22.37 2.26 19.08
CA THR A 173 21.23 2.62 18.24
C THR A 173 19.91 2.06 18.81
N LEU A 174 19.91 0.78 19.24
CA LEU A 174 18.74 0.09 19.77
C LEU A 174 18.37 0.57 21.18
N LYS A 175 19.36 1.15 21.92
CA LYS A 175 19.22 1.62 23.31
C LYS A 175 18.82 0.40 24.17
N ALA A 176 19.53 -0.72 23.93
CA ALA A 176 19.29 -2.01 24.57
C ALA A 176 20.60 -2.69 24.95
N SER A 177 20.55 -3.48 26.03
CA SER A 177 21.69 -4.26 26.51
C SER A 177 21.71 -5.54 25.66
N PRO A 178 22.88 -6.18 25.47
CA PRO A 178 22.93 -7.36 24.58
C PRO A 178 21.95 -8.50 24.83
N SER A 179 21.66 -8.87 26.10
CA SER A 179 20.75 -9.98 26.43
C SER A 179 19.31 -9.75 25.93
N GLU A 180 18.95 -8.49 25.64
CA GLU A 180 17.64 -8.06 25.12
C GLU A 180 17.57 -8.18 23.56
N VAL A 181 18.66 -8.63 22.91
CA VAL A 181 18.72 -8.69 21.45
C VAL A 181 18.81 -10.08 20.83
N VAL A 182 17.90 -10.37 19.85
CA VAL A 182 17.98 -11.53 19.00
C VAL A 182 18.60 -11.00 17.74
N PHE A 183 19.62 -11.67 17.28
CA PHE A 183 20.38 -11.28 16.11
C PHE A 183 20.41 -12.45 15.13
N LEU A 184 19.89 -12.23 13.93
CA LEU A 184 19.80 -13.27 12.91
C LEU A 184 20.75 -13.03 11.78
N ASP A 185 21.58 -14.04 11.43
CA ASP A 185 22.56 -13.90 10.33
C ASP A 185 22.82 -15.25 9.66
N ASP A 186 23.20 -15.23 8.37
CA ASP A 186 23.51 -16.45 7.62
C ASP A 186 25.02 -16.78 7.64
N ILE A 187 25.86 -15.84 8.14
CA ILE A 187 27.33 -15.99 8.20
C ILE A 187 27.76 -16.24 9.63
N GLY A 188 28.31 -17.43 9.89
CA GLY A 188 28.78 -17.83 11.22
C GLY A 188 29.73 -16.84 11.88
N ALA A 189 30.72 -16.38 11.12
CA ALA A 189 31.73 -15.40 11.53
C ALA A 189 31.10 -14.08 11.99
N ASN A 190 30.00 -13.65 11.34
CA ASN A 190 29.30 -12.42 11.69
C ASN A 190 28.40 -12.57 12.91
N LEU A 191 28.06 -13.82 13.28
CA LEU A 191 27.27 -14.12 14.47
C LEU A 191 28.11 -14.01 15.74
N LYS A 192 29.34 -14.59 15.74
CA LYS A 192 30.21 -14.61 16.94
C LYS A 192 30.34 -13.34 17.77
N PRO A 193 30.63 -12.12 17.21
CA PRO A 193 30.76 -10.95 18.09
C PRO A 193 29.49 -10.62 18.85
N ALA A 194 28.32 -10.83 18.21
CA ALA A 194 27.03 -10.62 18.86
C ALA A 194 26.87 -11.66 19.98
N ARG A 195 27.25 -12.91 19.70
CA ARG A 195 27.20 -14.03 20.67
C ARG A 195 28.16 -13.71 21.85
N ASP A 196 29.38 -13.23 21.54
CA ASP A 196 30.42 -12.79 22.49
C ASP A 196 29.93 -11.72 23.47
N LEU A 197 29.01 -10.83 23.02
CA LEU A 197 28.44 -9.78 23.85
C LEU A 197 27.27 -10.28 24.70
N GLY A 198 26.77 -11.49 24.39
CA GLY A 198 25.66 -12.10 25.12
C GLY A 198 24.32 -11.94 24.43
N MET A 199 24.33 -11.63 23.12
CA MET A 199 23.09 -11.53 22.37
C MET A 199 22.62 -12.93 22.00
N VAL A 200 21.31 -13.11 21.88
CA VAL A 200 20.75 -14.36 21.37
C VAL A 200 21.01 -14.33 19.86
N THR A 201 21.57 -15.40 19.33
CA THR A 201 21.95 -15.46 17.93
C THR A 201 21.32 -16.64 17.22
N ILE A 202 20.92 -16.40 15.98
CA ILE A 202 20.34 -17.43 15.15
C ILE A 202 21.10 -17.50 13.85
N LEU A 203 21.72 -18.66 13.61
CA LEU A 203 22.39 -18.92 12.35
C LEU A 203 21.27 -19.34 11.46
N VAL A 204 21.15 -18.64 10.30
CA VAL A 204 20.09 -18.83 9.31
C VAL A 204 20.59 -19.62 8.12
N GLN A 205 20.09 -20.85 7.96
CA GLN A 205 20.39 -21.63 6.76
C GLN A 205 19.05 -21.63 6.02
N ASP A 206 18.11 -22.48 6.43
CA ASP A 206 16.76 -22.48 5.83
C ASP A 206 15.85 -21.62 6.71
N THR A 207 14.94 -20.88 6.07
CA THR A 207 14.03 -20.00 6.78
C THR A 207 13.16 -20.66 7.84
N ASP A 208 12.47 -21.79 7.51
CA ASP A 208 11.60 -22.45 8.52
C ASP A 208 12.30 -22.74 9.84
N THR A 209 13.51 -23.33 9.80
CA THR A 209 14.27 -23.65 11.02
C THR A 209 14.65 -22.38 11.77
N ALA A 210 15.09 -21.36 11.03
CA ALA A 210 15.44 -20.07 11.62
C ALA A 210 14.23 -19.49 12.33
N LEU A 211 13.02 -19.54 11.70
CA LEU A 211 11.82 -19.04 12.34
C LEU A 211 11.38 -19.88 13.53
N LYS A 212 11.66 -21.19 13.51
CA LYS A 212 11.34 -22.10 14.61
C LYS A 212 12.20 -21.69 15.81
N GLU A 213 13.50 -21.47 15.59
CA GLU A 213 14.43 -21.01 16.64
C GLU A 213 13.96 -19.66 17.15
N LEU A 214 13.56 -18.74 16.24
CA LEU A 214 13.08 -17.41 16.60
C LEU A 214 11.81 -17.44 17.41
N GLU A 215 10.86 -18.30 17.04
CA GLU A 215 9.59 -18.52 17.74
C GLU A 215 9.86 -19.07 19.15
N LYS A 216 10.76 -20.06 19.26
CA LYS A 216 11.11 -20.71 20.53
C LYS A 216 11.75 -19.71 21.48
N VAL A 217 12.70 -18.93 20.97
CA VAL A 217 13.39 -17.96 21.81
C VAL A 217 12.56 -16.72 22.21
N THR A 218 11.61 -16.24 21.35
CA THR A 218 10.80 -15.06 21.68
C THR A 218 9.48 -15.41 22.37
N GLY A 219 8.99 -16.62 22.18
CA GLY A 219 7.71 -17.07 22.74
C GLY A 219 6.50 -16.50 22.01
N ILE A 220 6.71 -16.04 20.76
CA ILE A 220 5.70 -15.45 19.88
C ILE A 220 5.53 -16.36 18.66
N GLN A 221 4.28 -16.67 18.29
CA GLN A 221 4.00 -17.51 17.11
C GLN A 221 4.36 -16.72 15.84
N LEU A 222 5.27 -17.26 15.03
CA LEU A 222 5.73 -16.60 13.81
C LEU A 222 5.55 -17.48 12.60
N LEU A 223 5.53 -18.79 12.80
CA LEU A 223 5.39 -19.76 11.75
C LEU A 223 3.94 -20.27 11.72
N ASN A 224 3.38 -20.51 10.53
CA ASN A 224 1.99 -21.03 10.40
C ASN A 224 0.91 -20.05 10.82
N THR A 225 1.24 -18.75 10.96
CA THR A 225 0.27 -17.72 11.41
C THR A 225 -0.83 -17.41 10.37
N PRO A 226 -1.98 -16.81 10.78
CA PRO A 226 -2.99 -16.43 9.77
C PRO A 226 -2.44 -15.40 8.79
N ALA A 227 -3.03 -15.36 7.58
CA ALA A 227 -2.63 -14.43 6.52
C ALA A 227 -2.72 -12.97 7.06
N PRO A 228 -1.61 -12.21 7.04
CA PRO A 228 -1.65 -10.85 7.60
C PRO A 228 -2.42 -9.88 6.69
N LEU A 229 -2.85 -8.73 7.24
CA LEU A 229 -3.52 -7.70 6.41
C LEU A 229 -2.45 -6.99 5.55
N PRO A 230 -2.83 -6.33 4.42
CA PRO A 230 -1.84 -5.55 3.67
C PRO A 230 -1.33 -4.41 4.56
N THR A 231 -0.18 -3.82 4.22
CA THR A 231 0.38 -2.67 4.95
C THR A 231 -0.65 -1.53 4.93
N SER A 232 -0.83 -0.85 6.06
CA SER A 232 -1.76 0.28 6.16
C SER A 232 -0.96 1.62 6.04
N CYS A 233 -1.58 2.77 6.31
CA CYS A 233 -0.93 4.09 6.26
C CYS A 233 -0.97 4.71 7.61
N ASN A 234 0.10 5.38 8.02
CA ASN A 234 0.10 6.17 9.23
C ASN A 234 -0.04 7.61 8.71
N PRO A 235 -1.18 8.31 8.98
CA PRO A 235 -1.38 9.67 8.41
C PRO A 235 -0.23 10.64 8.56
N SER A 236 0.46 10.62 9.73
CA SER A 236 1.59 11.50 10.00
C SER A 236 2.85 11.20 9.17
N ASP A 237 2.91 10.03 8.55
CA ASP A 237 4.05 9.64 7.72
C ASP A 237 3.81 9.86 6.22
N MET A 238 2.65 10.41 5.84
CA MET A 238 2.34 10.54 4.42
C MET A 238 2.73 11.90 3.88
N SER A 239 2.90 12.00 2.56
CA SER A 239 3.08 13.29 1.90
C SER A 239 1.64 13.82 1.70
N HIS A 240 1.36 15.03 2.19
CA HIS A 240 0.03 15.63 2.09
C HIS A 240 0.09 16.77 1.07
N GLY A 241 -0.80 16.71 0.08
CA GLY A 241 -0.88 17.72 -0.98
C GLY A 241 -2.15 18.54 -0.92
N TYR A 242 -2.08 19.80 -1.41
CA TYR A 242 -3.19 20.76 -1.35
C TYR A 242 -3.20 21.58 -2.62
N VAL A 243 -4.34 21.58 -3.33
CA VAL A 243 -4.54 22.30 -4.60
C VAL A 243 -5.77 23.17 -4.50
N THR A 244 -5.64 24.49 -4.80
CA THR A 244 -6.83 25.35 -4.86
C THR A 244 -7.42 25.23 -6.26
N VAL A 245 -8.65 24.71 -6.37
CA VAL A 245 -9.31 24.52 -7.65
C VAL A 245 -10.17 25.69 -8.07
N LYS A 246 -10.53 26.54 -7.11
CA LYS A 246 -11.26 27.80 -7.28
C LYS A 246 -11.14 28.65 -5.99
N PRO A 247 -11.39 29.99 -6.05
CA PRO A 247 -11.20 30.83 -4.85
C PRO A 247 -11.56 30.25 -3.48
N ARG A 248 -12.75 29.68 -3.32
CA ARG A 248 -13.11 29.20 -1.99
C ARG A 248 -12.92 27.69 -1.78
N VAL A 249 -12.35 26.96 -2.78
CA VAL A 249 -12.24 25.50 -2.70
C VAL A 249 -10.83 24.97 -2.89
N ARG A 250 -10.34 24.24 -1.89
CA ARG A 250 -9.06 23.57 -2.04
C ARG A 250 -9.29 22.06 -1.86
N LEU A 251 -8.53 21.25 -2.58
CA LEU A 251 -8.65 19.79 -2.39
C LEU A 251 -7.38 19.26 -1.74
N HIS A 252 -7.55 18.41 -0.72
CA HIS A 252 -6.42 17.76 -0.07
C HIS A 252 -6.33 16.32 -0.59
N PHE A 253 -5.10 15.81 -0.68
CA PHE A 253 -4.84 14.42 -1.08
C PHE A 253 -3.55 13.93 -0.41
N VAL A 254 -3.43 12.61 -0.30
CA VAL A 254 -2.22 11.96 0.19
C VAL A 254 -1.61 11.36 -1.09
N GLU A 255 -0.27 11.40 -1.19
CA GLU A 255 0.43 10.97 -2.39
C GLU A 255 1.58 10.04 -2.10
N LEU A 256 1.64 8.92 -2.82
CA LEU A 256 2.69 7.93 -2.61
C LEU A 256 2.99 7.18 -3.91
N GLY A 257 4.29 7.02 -4.19
CA GLY A 257 4.76 6.23 -5.32
C GLY A 257 5.08 7.01 -6.57
N SER A 258 5.58 6.27 -7.56
CA SER A 258 5.89 6.82 -8.87
C SER A 258 5.28 5.92 -9.92
N GLY A 259 5.04 6.49 -11.09
CA GLY A 259 4.46 5.79 -12.22
C GLY A 259 3.18 6.47 -12.68
N PRO A 260 2.30 5.74 -13.42
CA PRO A 260 1.04 6.37 -13.88
C PRO A 260 0.21 6.85 -12.70
N ALA A 261 -0.39 8.07 -12.80
CA ALA A 261 -1.23 8.65 -11.72
C ALA A 261 -2.51 7.81 -11.56
N VAL A 262 -2.80 7.43 -10.31
CA VAL A 262 -4.00 6.69 -9.93
C VAL A 262 -4.73 7.51 -8.87
N CYS A 263 -5.89 8.02 -9.24
CA CYS A 263 -6.68 8.90 -8.35
C CYS A 263 -7.79 8.10 -7.65
N LEU A 264 -7.66 7.93 -6.33
CA LEU A 264 -8.63 7.15 -5.53
C LEU A 264 -9.69 8.08 -4.96
N CYS A 265 -10.98 7.76 -5.19
CA CYS A 265 -12.12 8.60 -4.82
C CYS A 265 -13.09 7.85 -3.88
N HIS A 266 -13.08 8.23 -2.61
CA HIS A 266 -13.88 7.58 -1.57
C HIS A 266 -15.36 7.93 -1.68
N GLY A 267 -16.15 7.25 -0.86
CA GLY A 267 -17.59 7.44 -0.84
C GLY A 267 -18.06 8.11 0.43
N PHE A 268 -19.35 7.94 0.70
CA PHE A 268 -20.01 8.55 1.85
C PHE A 268 -20.14 7.59 3.03
N PRO A 269 -19.81 8.01 4.27
CA PRO A 269 -19.21 9.30 4.71
C PRO A 269 -17.76 8.94 5.07
N GLU A 270 -16.88 9.04 4.07
CA GLU A 270 -15.54 8.52 4.26
C GLU A 270 -14.37 9.52 4.26
N SER A 271 -13.19 9.11 3.77
CA SER A 271 -11.94 9.85 3.87
C SER A 271 -10.94 9.27 2.87
N TRP A 272 -9.84 9.99 2.60
CA TRP A 272 -8.72 9.43 1.86
C TRP A 272 -8.27 8.13 2.57
N TYR A 273 -8.41 8.11 3.93
CA TYR A 273 -7.96 7.02 4.80
C TYR A 273 -8.73 5.73 4.59
N SER A 274 -9.89 5.80 3.90
CA SER A 274 -10.63 4.59 3.56
C SER A 274 -9.84 3.73 2.59
N TRP A 275 -8.81 4.32 1.93
CA TRP A 275 -7.93 3.61 1.01
C TRP A 275 -6.60 3.20 1.66
N ARG A 276 -6.50 3.29 3.02
CA ARG A 276 -5.26 3.00 3.72
C ARG A 276 -4.57 1.68 3.35
N TYR A 277 -5.36 0.63 3.05
CA TYR A 277 -4.77 -0.67 2.70
C TYR A 277 -4.37 -0.73 1.22
N GLN A 278 -4.91 0.17 0.40
CA GLN A 278 -4.60 0.17 -1.03
C GLN A 278 -3.39 1.03 -1.37
N ILE A 279 -3.22 2.18 -0.69
CA ILE A 279 -2.16 3.15 -1.02
C ILE A 279 -0.74 2.51 -1.05
N PRO A 280 -0.27 1.81 0.02
CA PRO A 280 1.08 1.20 -0.05
C PRO A 280 1.15 0.12 -1.13
N ALA A 281 0.10 -0.74 -1.26
CA ALA A 281 0.11 -1.80 -2.26
C ALA A 281 0.19 -1.28 -3.71
N LEU A 282 -0.62 -0.28 -4.06
CA LEU A 282 -0.64 0.25 -5.43
C LEU A 282 0.67 0.99 -5.74
N ALA A 283 1.20 1.75 -4.75
CA ALA A 283 2.49 2.45 -4.94
C ALA A 283 3.61 1.42 -5.16
N GLN A 284 3.63 0.32 -4.36
CA GLN A 284 4.65 -0.74 -4.53
C GLN A 284 4.52 -1.47 -5.89
N ALA A 285 3.28 -1.52 -6.44
CA ALA A 285 2.99 -2.13 -7.75
C ALA A 285 3.43 -1.26 -8.94
N GLY A 286 3.94 -0.05 -8.66
CA GLY A 286 4.49 0.86 -9.68
C GLY A 286 3.55 1.96 -10.14
N TYR A 287 2.72 2.47 -9.22
CA TYR A 287 1.79 3.56 -9.55
C TYR A 287 2.00 4.75 -8.61
N ARG A 288 1.63 5.94 -9.08
CA ARG A 288 1.68 7.16 -8.28
C ARG A 288 0.26 7.34 -7.79
N VAL A 289 0.04 7.05 -6.51
CA VAL A 289 -1.30 7.10 -5.93
C VAL A 289 -1.61 8.49 -5.38
N LEU A 290 -2.78 9.01 -5.74
CA LEU A 290 -3.31 10.29 -5.24
C LEU A 290 -4.63 9.93 -4.54
N ALA A 291 -4.61 9.80 -3.19
CA ALA A 291 -5.84 9.44 -2.48
C ALA A 291 -6.51 10.72 -1.99
N MET A 292 -7.67 11.04 -2.55
CA MET A 292 -8.38 12.29 -2.28
C MET A 292 -9.13 12.34 -1.00
N ASP A 293 -9.24 13.56 -0.41
CA ASP A 293 -10.30 13.91 0.49
C ASP A 293 -11.26 14.56 -0.52
N MET A 294 -12.42 13.92 -0.77
CA MET A 294 -13.39 14.47 -1.74
C MET A 294 -13.96 15.80 -1.21
N LYS A 295 -14.48 16.65 -2.10
CA LYS A 295 -15.07 17.93 -1.66
C LYS A 295 -16.10 17.67 -0.54
N GLY A 296 -16.00 18.45 0.53
CA GLY A 296 -16.86 18.30 1.69
C GLY A 296 -16.25 17.53 2.85
N TYR A 297 -15.06 16.91 2.65
CA TYR A 297 -14.42 16.02 3.59
C TYR A 297 -13.04 16.38 4.06
N GLY A 298 -12.72 15.95 5.29
CA GLY A 298 -11.39 16.02 5.89
C GLY A 298 -10.74 17.39 5.76
N GLU A 299 -9.56 17.42 5.12
CA GLU A 299 -8.83 18.66 4.91
C GLU A 299 -9.22 19.41 3.63
N SER A 300 -10.18 18.87 2.85
CA SER A 300 -10.65 19.56 1.65
C SER A 300 -11.71 20.57 2.09
N SER A 301 -11.95 21.58 1.27
CA SER A 301 -12.96 22.60 1.57
C SER A 301 -14.34 21.99 1.59
N ALA A 302 -15.23 22.59 2.40
CA ALA A 302 -16.61 22.12 2.52
C ALA A 302 -17.57 23.31 2.48
N PRO A 303 -17.79 23.93 1.29
CA PRO A 303 -18.75 25.04 1.19
C PRO A 303 -20.16 24.56 1.54
N PRO A 304 -21.01 25.43 2.12
CA PRO A 304 -22.33 24.94 2.58
C PRO A 304 -23.41 24.74 1.51
N GLU A 305 -23.33 25.44 0.35
CA GLU A 305 -24.33 25.42 -0.72
C GLU A 305 -24.53 24.04 -1.34
N ILE A 306 -25.77 23.61 -1.45
CA ILE A 306 -26.13 22.31 -2.03
C ILE A 306 -25.56 22.13 -3.45
N GLU A 307 -25.72 23.16 -4.32
CA GLU A 307 -25.25 23.17 -5.72
C GLU A 307 -23.74 23.00 -5.89
N GLU A 308 -22.93 23.23 -4.82
CA GLU A 308 -21.48 23.03 -4.90
C GLU A 308 -21.14 21.51 -5.02
N TYR A 309 -22.15 20.66 -4.78
CA TYR A 309 -21.97 19.20 -4.75
C TYR A 309 -22.69 18.44 -5.83
N CYS A 310 -23.16 19.13 -6.88
CA CYS A 310 -23.76 18.42 -8.00
C CYS A 310 -22.61 17.77 -8.78
N MET A 311 -22.89 16.65 -9.47
CA MET A 311 -21.85 15.93 -10.20
C MET A 311 -21.10 16.74 -11.26
N GLU A 312 -21.79 17.65 -11.95
CA GLU A 312 -21.15 18.51 -12.98
C GLU A 312 -20.02 19.34 -12.36
N VAL A 313 -20.30 19.98 -11.21
CA VAL A 313 -19.35 20.83 -10.47
C VAL A 313 -18.21 19.96 -9.92
N LEU A 314 -18.54 18.84 -9.29
CA LEU A 314 -17.55 17.95 -8.69
C LEU A 314 -16.56 17.45 -9.75
N CYS A 315 -17.10 17.02 -10.92
CA CYS A 315 -16.28 16.53 -12.03
C CYS A 315 -15.39 17.63 -12.60
N LYS A 316 -15.95 18.85 -12.81
CA LYS A 316 -15.20 20.01 -13.33
C LYS A 316 -14.01 20.33 -12.41
N GLU A 317 -14.22 20.26 -11.08
CA GLU A 317 -13.17 20.53 -10.10
C GLU A 317 -12.08 19.45 -10.14
N MET A 318 -12.46 18.19 -10.40
CA MET A 318 -11.48 17.10 -10.48
C MET A 318 -10.64 17.30 -11.76
N VAL A 319 -11.25 17.85 -12.83
CA VAL A 319 -10.50 18.17 -14.06
C VAL A 319 -9.50 19.32 -13.73
N THR A 320 -9.96 20.34 -13.00
CA THR A 320 -9.11 21.46 -12.58
C THR A 320 -7.96 20.94 -11.71
N PHE A 321 -8.27 19.98 -10.81
CA PHE A 321 -7.25 19.36 -9.95
C PHE A 321 -6.12 18.77 -10.83
N LEU A 322 -6.47 17.98 -11.88
CA LEU A 322 -5.47 17.44 -12.79
C LEU A 322 -4.71 18.58 -13.47
N ASP A 323 -5.41 19.60 -13.96
CA ASP A 323 -4.78 20.76 -14.63
C ASP A 323 -3.70 21.41 -13.76
N LYS A 324 -4.03 21.71 -12.48
CA LYS A 324 -3.12 22.38 -11.57
C LYS A 324 -1.92 21.54 -11.21
N LEU A 325 -2.11 20.19 -11.16
CA LEU A 325 -1.01 19.27 -10.88
C LEU A 325 -0.14 18.99 -12.11
N GLY A 326 -0.58 19.45 -13.27
CA GLY A 326 0.12 19.22 -14.54
C GLY A 326 0.00 17.78 -15.02
N LEU A 327 -1.16 17.14 -14.76
CA LEU A 327 -1.44 15.76 -15.18
C LEU A 327 -2.41 15.76 -16.37
N SER A 328 -2.02 15.15 -17.50
CA SER A 328 -2.91 15.13 -18.66
C SER A 328 -3.98 14.08 -18.44
N GLN A 329 -3.66 13.03 -17.65
CA GLN A 329 -4.64 11.99 -17.30
C GLN A 329 -4.32 11.40 -15.93
N ALA A 330 -5.29 10.63 -15.40
CA ALA A 330 -5.08 9.78 -14.26
C ALA A 330 -6.04 8.61 -14.45
N VAL A 331 -5.71 7.46 -13.85
CA VAL A 331 -6.65 6.36 -13.75
C VAL A 331 -7.59 6.82 -12.60
N PHE A 332 -8.91 6.65 -12.75
CA PHE A 332 -9.82 7.05 -11.68
C PHE A 332 -10.48 5.82 -11.10
N ILE A 333 -10.31 5.62 -9.78
CA ILE A 333 -10.88 4.48 -9.04
C ILE A 333 -11.77 5.04 -7.95
N GLY A 334 -13.04 4.63 -7.98
CA GLY A 334 -14.01 5.14 -7.01
C GLY A 334 -14.77 4.07 -6.27
N HIS A 335 -15.31 4.44 -5.09
CA HIS A 335 -16.17 3.53 -4.28
C HIS A 335 -17.37 4.35 -3.84
N ASP A 336 -18.59 3.78 -3.93
CA ASP A 336 -19.83 4.44 -3.48
C ASP A 336 -20.06 5.75 -4.27
N TRP A 337 -20.20 6.93 -3.60
CA TRP A 337 -20.35 8.20 -4.33
C TRP A 337 -19.14 8.48 -5.24
N GLY A 338 -17.94 8.07 -4.78
CA GLY A 338 -16.70 8.19 -5.57
C GLY A 338 -16.77 7.36 -6.84
N GLY A 339 -17.46 6.23 -6.76
CA GLY A 339 -17.68 5.34 -7.92
C GLY A 339 -18.60 5.98 -8.93
N MET A 340 -19.65 6.68 -8.44
CA MET A 340 -20.55 7.41 -9.32
C MET A 340 -19.76 8.53 -10.03
N LEU A 341 -18.89 9.24 -9.27
CA LEU A 341 -18.10 10.33 -9.86
C LEU A 341 -17.20 9.81 -10.98
N VAL A 342 -16.52 8.68 -10.72
CA VAL A 342 -15.57 8.15 -11.74
C VAL A 342 -16.26 7.72 -13.05
N TRP A 343 -17.52 7.18 -12.99
CA TRP A 343 -18.23 6.84 -14.24
C TRP A 343 -18.52 8.11 -15.02
N TYR A 344 -18.91 9.19 -14.33
CA TYR A 344 -19.21 10.47 -14.97
C TYR A 344 -17.97 11.16 -15.51
N MET A 345 -16.80 10.97 -14.84
CA MET A 345 -15.51 11.46 -15.36
C MET A 345 -15.24 10.74 -16.71
N ALA A 346 -15.46 9.42 -16.75
CA ALA A 346 -15.28 8.62 -17.98
C ALA A 346 -16.24 9.10 -19.09
N LEU A 347 -17.50 9.43 -18.74
CA LEU A 347 -18.50 9.89 -19.73
C LEU A 347 -18.28 11.28 -20.28
N PHE A 348 -17.86 12.23 -19.44
CA PHE A 348 -17.72 13.63 -19.79
C PHE A 348 -16.31 14.09 -20.11
N TYR A 349 -15.28 13.41 -19.57
CA TYR A 349 -13.88 13.80 -19.77
C TYR A 349 -13.00 12.57 -20.11
N PRO A 350 -13.41 11.75 -21.13
CA PRO A 350 -12.61 10.55 -21.47
C PRO A 350 -11.15 10.85 -21.80
N GLU A 351 -10.88 12.04 -22.34
CA GLU A 351 -9.49 12.42 -22.68
C GLU A 351 -8.57 12.53 -21.43
N ARG A 352 -9.18 12.79 -20.27
CA ARG A 352 -8.45 12.95 -18.99
C ARG A 352 -8.43 11.69 -18.15
N VAL A 353 -9.14 10.66 -18.59
CA VAL A 353 -9.27 9.41 -17.85
C VAL A 353 -8.50 8.30 -18.55
N ARG A 354 -7.40 7.89 -17.94
CA ARG A 354 -6.59 6.82 -18.51
C ARG A 354 -7.36 5.48 -18.49
N ALA A 355 -8.09 5.20 -17.40
CA ALA A 355 -8.91 4.01 -17.21
C ALA A 355 -9.83 4.32 -16.03
N VAL A 356 -10.93 3.57 -15.90
CA VAL A 356 -11.88 3.82 -14.81
C VAL A 356 -12.22 2.52 -14.10
N ALA A 357 -12.30 2.55 -12.75
CA ALA A 357 -12.75 1.37 -12.00
C ALA A 357 -13.69 1.81 -10.88
N SER A 358 -14.77 1.03 -10.68
CA SER A 358 -15.68 1.29 -9.57
C SER A 358 -15.81 0.08 -8.66
N LEU A 359 -15.81 0.32 -7.36
CA LEU A 359 -16.10 -0.68 -6.34
C LEU A 359 -17.54 -0.45 -5.94
N ASN A 360 -18.40 -1.49 -6.15
CA ASN A 360 -19.81 -1.52 -5.74
C ASN A 360 -20.77 -0.68 -6.57
N THR A 361 -20.41 0.57 -6.90
CA THR A 361 -21.29 1.45 -7.64
C THR A 361 -21.41 1.05 -9.09
N PRO A 362 -22.64 0.70 -9.54
CA PRO A 362 -22.79 0.32 -10.95
C PRO A 362 -22.95 1.56 -11.81
N PHE A 363 -22.87 1.37 -13.14
CA PHE A 363 -23.18 2.42 -14.08
C PHE A 363 -24.56 2.09 -14.66
N ILE A 364 -25.58 2.91 -14.33
CA ILE A 364 -26.96 2.77 -14.83
C ILE A 364 -27.33 4.08 -15.51
N PRO A 365 -27.54 4.11 -16.85
CA PRO A 365 -27.89 5.38 -17.50
C PRO A 365 -29.15 5.98 -16.92
N ALA A 366 -29.20 7.31 -16.88
CA ALA A 366 -30.37 8.00 -16.36
C ALA A 366 -31.59 7.66 -17.22
N ASN A 367 -32.75 7.54 -16.57
CA ASN A 367 -34.00 7.26 -17.28
C ASN A 367 -34.66 8.61 -17.53
N PRO A 368 -34.73 9.06 -18.79
CA PRO A 368 -35.29 10.40 -19.07
C PRO A 368 -36.82 10.48 -18.90
N ASN A 369 -37.49 9.33 -18.70
CA ASN A 369 -38.95 9.23 -18.56
C ASN A 369 -39.44 9.03 -17.12
N MET A 370 -38.50 9.12 -16.16
CA MET A 370 -38.80 8.96 -14.74
C MET A 370 -37.97 9.99 -13.97
N SER A 371 -38.63 10.72 -13.06
CA SER A 371 -37.92 11.71 -12.24
C SER A 371 -37.05 10.92 -11.25
N PRO A 372 -35.84 11.37 -10.91
CA PRO A 372 -35.01 10.59 -9.97
C PRO A 372 -35.72 10.31 -8.62
N LEU A 373 -36.60 11.23 -8.16
CA LEU A 373 -37.40 11.10 -6.94
C LEU A 373 -38.24 9.81 -7.02
N GLU A 374 -38.94 9.59 -8.17
CA GLU A 374 -39.75 8.41 -8.49
C GLU A 374 -38.89 7.12 -8.51
N SER A 375 -37.73 7.16 -9.19
CA SER A 375 -36.79 6.03 -9.34
C SER A 375 -36.24 5.52 -8.00
N ILE A 376 -35.86 6.44 -7.09
CA ILE A 376 -35.31 6.13 -5.77
C ILE A 376 -36.40 5.45 -4.91
N LYS A 377 -37.65 5.96 -5.00
CA LYS A 377 -38.82 5.46 -4.27
C LYS A 377 -39.09 3.98 -4.54
N ALA A 378 -38.89 3.54 -5.81
CA ALA A 378 -39.10 2.16 -6.27
C ALA A 378 -38.30 1.13 -5.48
N ASN A 379 -37.05 1.44 -5.11
CA ASN A 379 -36.19 0.50 -4.37
C ASN A 379 -36.16 0.78 -2.84
N PRO A 380 -36.78 -0.11 -2.02
CA PRO A 380 -36.81 0.11 -0.56
C PRO A 380 -35.47 0.26 0.15
N VAL A 381 -34.37 -0.29 -0.44
CA VAL A 381 -33.02 -0.18 0.15
C VAL A 381 -32.47 1.25 0.10
N PHE A 382 -33.03 2.09 -0.79
CA PHE A 382 -32.62 3.49 -0.99
C PHE A 382 -33.42 4.50 -0.17
N ASP A 383 -34.17 4.02 0.84
CA ASP A 383 -34.98 4.88 1.71
C ASP A 383 -34.14 5.89 2.49
N TYR A 384 -32.94 5.48 2.94
CA TYR A 384 -31.99 6.34 3.66
C TYR A 384 -31.66 7.59 2.84
N GLN A 385 -31.66 7.49 1.49
CA GLN A 385 -31.39 8.64 0.60
C GLN A 385 -32.49 9.70 0.73
N LEU A 386 -33.76 9.26 0.96
CA LEU A 386 -34.90 10.15 1.16
C LEU A 386 -34.77 10.87 2.51
N TYR A 387 -34.30 10.15 3.56
CA TYR A 387 -34.03 10.69 4.89
C TYR A 387 -32.94 11.77 4.82
N PHE A 388 -31.96 11.61 3.91
CA PHE A 388 -30.86 12.59 3.72
C PHE A 388 -31.27 13.88 3.03
N GLN A 389 -32.45 13.93 2.42
CA GLN A 389 -32.88 15.10 1.64
C GLN A 389 -33.05 16.41 2.38
N GLU A 390 -33.78 16.39 3.51
CA GLU A 390 -34.09 17.61 4.28
C GLU A 390 -32.86 18.19 4.97
N PRO A 391 -32.40 19.41 4.58
CA PRO A 391 -31.19 19.96 5.21
C PRO A 391 -31.31 20.09 6.73
N GLY A 392 -30.33 19.51 7.45
CA GLY A 392 -30.23 19.57 8.91
C GLY A 392 -30.63 18.32 9.67
N VAL A 393 -31.61 17.57 9.15
CA VAL A 393 -32.10 16.36 9.83
C VAL A 393 -31.01 15.31 10.04
N ALA A 394 -30.45 14.77 8.93
CA ALA A 394 -29.42 13.76 9.05
C ALA A 394 -28.12 14.36 9.65
N GLU A 395 -27.83 15.65 9.40
CA GLU A 395 -26.62 16.29 9.98
C GLU A 395 -26.65 16.17 11.50
N ALA A 396 -27.80 16.56 12.11
CA ALA A 396 -27.98 16.51 13.56
C ALA A 396 -27.80 15.11 14.12
N GLU A 397 -28.38 14.07 13.47
CA GLU A 397 -28.23 12.69 13.93
C GLU A 397 -26.81 12.17 13.80
N LEU A 398 -26.18 12.43 12.63
CA LEU A 398 -24.83 11.94 12.35
C LEU A 398 -23.76 12.68 13.15
N GLU A 399 -23.97 13.95 13.46
CA GLU A 399 -23.03 14.77 14.26
C GLU A 399 -23.19 14.65 15.79
N GLN A 400 -24.34 14.13 16.29
CA GLN A 400 -24.60 14.00 17.75
C GLN A 400 -23.47 13.27 18.51
N ASN A 401 -23.01 12.14 17.97
CA ASN A 401 -21.95 11.35 18.58
C ASN A 401 -21.21 10.69 17.44
N LEU A 402 -20.04 11.26 17.10
CA LEU A 402 -19.21 10.81 15.98
C LEU A 402 -18.70 9.40 16.14
N SER A 403 -18.19 9.05 17.34
CA SER A 403 -17.71 7.70 17.60
C SER A 403 -18.85 6.69 17.34
N ARG A 404 -20.09 6.99 17.82
CA ARG A 404 -21.26 6.12 17.62
C ARG A 404 -21.56 6.00 16.12
N THR A 405 -21.57 7.14 15.40
CA THR A 405 -21.83 7.18 13.95
C THR A 405 -20.91 6.22 13.20
N PHE A 406 -19.58 6.38 13.33
CA PHE A 406 -18.61 5.54 12.61
C PHE A 406 -18.60 4.09 13.02
N LYS A 407 -18.71 3.82 14.33
CA LYS A 407 -18.78 2.46 14.83
C LYS A 407 -20.06 1.75 14.35
N SER A 408 -21.19 2.49 14.23
CA SER A 408 -22.45 1.91 13.74
C SER A 408 -22.37 1.63 12.25
N LEU A 409 -21.73 2.54 11.50
CA LEU A 409 -21.66 2.40 10.04
C LEU A 409 -20.69 1.36 9.52
N PHE A 410 -19.43 1.43 10.01
CA PHE A 410 -18.34 0.59 9.51
C PHE A 410 -18.34 -0.79 10.13
N ARG A 411 -19.16 -1.69 9.57
CA ARG A 411 -19.31 -3.06 10.07
C ARG A 411 -19.28 -4.05 8.90
N ALA A 412 -18.84 -5.30 9.17
CA ALA A 412 -18.82 -6.37 8.18
C ALA A 412 -20.27 -6.87 7.99
N SER A 413 -20.56 -7.60 6.88
CA SER A 413 -21.94 -8.02 6.55
C SER A 413 -22.74 -8.79 7.63
N ASP A 414 -22.02 -9.46 8.54
CA ASP A 414 -22.58 -10.26 9.65
C ASP A 414 -22.59 -9.49 10.99
N GLU A 415 -22.28 -8.17 10.97
CA GLU A 415 -22.21 -7.33 12.18
C GLU A 415 -23.25 -6.20 12.19
N SER A 416 -24.23 -6.20 11.24
CA SER A 416 -25.24 -5.14 11.14
C SER A 416 -25.88 -4.76 12.47
N VAL A 417 -26.03 -3.46 12.68
CA VAL A 417 -26.56 -2.84 13.88
C VAL A 417 -27.70 -1.87 13.47
N LEU A 418 -27.77 -1.59 12.15
CA LEU A 418 -28.73 -0.70 11.51
C LEU A 418 -29.68 -1.44 10.61
N SER A 419 -30.89 -0.91 10.49
CA SER A 419 -31.87 -1.41 9.54
C SER A 419 -31.96 -0.31 8.49
N MET A 420 -31.42 -0.58 7.28
CA MET A 420 -31.45 0.39 6.17
C MET A 420 -32.90 0.46 5.62
N HIS A 421 -33.85 -0.13 6.36
CA HIS A 421 -35.27 -0.22 6.00
C HIS A 421 -36.18 0.70 6.78
N LYS A 422 -37.07 1.39 6.04
CA LYS A 422 -38.06 2.35 6.56
C LYS A 422 -37.41 3.34 7.55
N VAL A 423 -36.22 3.86 7.16
CA VAL A 423 -35.36 4.78 7.91
C VAL A 423 -36.10 6.07 8.31
N CYS A 424 -36.84 6.67 7.35
CA CYS A 424 -37.64 7.89 7.55
C CYS A 424 -38.76 7.64 8.58
N GLU A 425 -39.57 6.57 8.34
CA GLU A 425 -40.69 6.12 9.17
C GLU A 425 -40.22 5.83 10.59
N ALA A 426 -39.04 5.18 10.71
CA ALA A 426 -38.38 4.86 11.99
C ALA A 426 -37.90 6.14 12.69
N GLY A 427 -37.50 7.15 11.90
CA GLY A 427 -37.05 8.45 12.40
C GLY A 427 -35.55 8.66 12.50
N GLY A 428 -34.79 7.86 11.75
CA GLY A 428 -33.33 7.97 11.74
C GLY A 428 -32.63 6.66 11.51
N LEU A 429 -31.34 6.74 11.15
CA LEU A 429 -30.48 5.57 10.90
C LEU A 429 -30.20 4.78 12.16
N PHE A 430 -30.10 5.49 13.31
CA PHE A 430 -29.70 4.89 14.58
C PHE A 430 -30.83 4.68 15.63
N VAL A 431 -32.11 4.77 15.23
CA VAL A 431 -33.26 4.62 16.14
C VAL A 431 -33.24 3.37 17.04
N ASN A 432 -33.12 2.19 16.43
CA ASN A 432 -33.05 0.97 17.23
C ASN A 432 -31.63 0.42 17.20
N SER A 433 -30.65 1.34 17.39
CA SER A 433 -29.21 1.09 17.39
C SER A 433 -28.57 1.35 18.76
N PRO A 434 -27.53 0.56 19.16
CA PRO A 434 -26.91 0.78 20.48
C PRO A 434 -26.21 2.13 20.59
N GLU A 435 -26.18 2.73 21.80
CA GLU A 435 -25.50 4.00 22.00
C GLU A 435 -24.00 3.81 22.03
N GLU A 436 -23.58 2.62 22.50
CA GLU A 436 -22.18 2.21 22.56
C GLU A 436 -22.02 0.96 21.70
N PRO A 437 -21.96 1.08 20.34
CA PRO A 437 -21.77 -0.12 19.51
C PRO A 437 -20.45 -0.78 19.80
N SER A 438 -20.39 -2.10 19.62
CA SER A 438 -19.17 -2.86 19.79
C SER A 438 -18.27 -2.53 18.60
N LEU A 439 -16.95 -2.63 18.79
CA LEU A 439 -15.96 -2.38 17.74
C LEU A 439 -16.07 -3.51 16.72
N SER A 440 -16.21 -3.16 15.44
CA SER A 440 -16.25 -4.13 14.35
C SER A 440 -14.87 -4.80 14.20
N ARG A 441 -14.82 -6.06 13.69
CA ARG A 441 -13.57 -6.80 13.41
C ARG A 441 -12.74 -6.10 12.31
N MET A 442 -13.41 -5.24 11.55
CA MET A 442 -12.85 -4.50 10.42
C MET A 442 -11.96 -3.33 10.81
N VAL A 443 -12.24 -2.68 11.98
CA VAL A 443 -11.55 -1.47 12.45
C VAL A 443 -10.99 -1.51 13.88
N THR A 444 -9.92 -0.73 14.14
CA THR A 444 -9.38 -0.55 15.49
C THR A 444 -10.05 0.71 16.06
N GLU A 445 -9.98 0.90 17.41
CA GLU A 445 -10.51 2.10 18.05
C GLU A 445 -9.78 3.34 17.47
N GLU A 446 -8.47 3.18 17.21
CA GLU A 446 -7.58 4.23 16.68
C GLU A 446 -8.04 4.71 15.28
N GLU A 447 -8.46 3.76 14.41
CA GLU A 447 -8.99 4.04 13.08
C GLU A 447 -10.32 4.79 13.19
N ILE A 448 -11.23 4.33 14.09
CA ILE A 448 -12.47 5.04 14.32
C ILE A 448 -12.18 6.49 14.72
N GLN A 449 -11.27 6.72 15.69
CA GLN A 449 -10.92 8.06 16.17
C GLN A 449 -10.31 8.95 15.08
N PHE A 450 -9.68 8.36 14.07
CA PHE A 450 -9.15 9.17 12.94
C PHE A 450 -10.34 9.78 12.19
N TYR A 451 -11.36 8.96 11.86
CA TYR A 451 -12.57 9.44 11.21
C TYR A 451 -13.28 10.49 12.06
N VAL A 452 -13.43 10.22 13.39
CA VAL A 452 -14.04 11.17 14.32
C VAL A 452 -13.34 12.53 14.19
N GLN A 453 -11.99 12.52 14.31
CA GLN A 453 -11.13 13.72 14.21
C GLN A 453 -11.33 14.48 12.88
N GLN A 454 -11.38 13.73 11.77
CA GLN A 454 -11.59 14.33 10.44
C GLN A 454 -12.93 15.04 10.32
N PHE A 455 -14.00 14.41 10.84
CA PHE A 455 -15.34 14.96 10.77
C PHE A 455 -15.66 16.08 11.77
N LYS A 456 -14.74 16.34 12.71
CA LYS A 456 -14.89 17.44 13.65
C LYS A 456 -14.71 18.76 12.94
N LYS A 457 -13.96 18.80 11.82
CA LYS A 457 -13.76 20.07 11.09
C LYS A 457 -15.01 20.61 10.38
N SER A 458 -15.66 19.81 9.55
CA SER A 458 -16.78 20.30 8.76
C SER A 458 -18.11 19.58 8.98
N GLY A 459 -18.08 18.45 9.68
CA GLY A 459 -19.29 17.69 9.93
C GLY A 459 -19.87 17.06 8.68
N PHE A 460 -21.19 16.88 8.67
CA PHE A 460 -21.88 16.16 7.59
C PHE A 460 -22.61 16.97 6.55
N ARG A 461 -22.62 18.32 6.61
CA ARG A 461 -23.36 19.12 5.61
C ARG A 461 -22.90 18.90 4.14
N GLY A 462 -21.60 19.11 3.89
CA GLY A 462 -20.99 18.91 2.56
C GLY A 462 -21.17 17.47 2.10
N PRO A 463 -20.77 16.47 2.91
CA PRO A 463 -20.98 15.05 2.53
C PRO A 463 -22.44 14.75 2.20
N LEU A 464 -23.41 15.18 3.05
CA LEU A 464 -24.83 14.95 2.76
C LEU A 464 -25.32 15.66 1.52
N ASN A 465 -24.71 16.82 1.20
CA ASN A 465 -25.03 17.57 -0.01
C ASN A 465 -24.79 16.77 -1.30
N TRP A 466 -23.89 15.75 -1.26
CA TRP A 466 -23.67 14.85 -2.42
C TRP A 466 -25.01 14.17 -2.83
N TYR A 467 -25.92 13.91 -1.86
CA TYR A 467 -27.23 13.27 -2.10
C TYR A 467 -28.36 14.26 -2.47
N ARG A 468 -28.09 15.57 -2.35
CA ARG A 468 -29.09 16.64 -2.54
C ARG A 468 -29.16 17.32 -3.90
N ASN A 469 -28.59 16.65 -4.92
CA ASN A 469 -28.59 17.19 -6.27
C ASN A 469 -29.18 16.22 -7.27
N MET A 470 -30.17 15.41 -6.84
CA MET A 470 -30.78 14.39 -7.70
C MET A 470 -31.29 14.89 -9.02
N GLU A 471 -32.12 15.95 -9.02
CA GLU A 471 -32.71 16.53 -10.22
C GLU A 471 -31.62 17.10 -11.14
N ARG A 472 -30.70 17.90 -10.57
CA ARG A 472 -29.59 18.51 -11.30
C ARG A 472 -28.72 17.42 -11.94
N ASN A 473 -28.36 16.37 -11.17
CA ASN A 473 -27.52 15.27 -11.70
C ASN A 473 -28.22 14.55 -12.82
N TRP A 474 -29.55 14.34 -12.69
CA TRP A 474 -30.36 13.65 -13.69
C TRP A 474 -30.37 14.44 -15.02
N LYS A 475 -30.63 15.77 -14.97
CA LYS A 475 -30.62 16.62 -16.17
C LYS A 475 -29.25 16.58 -16.86
N TRP A 476 -28.16 16.63 -16.09
CA TRP A 476 -26.80 16.58 -16.64
C TRP A 476 -26.55 15.21 -17.28
N ALA A 477 -26.85 14.12 -16.56
CA ALA A 477 -26.64 12.76 -17.05
C ALA A 477 -27.40 12.45 -18.35
N CYS A 478 -28.60 13.04 -18.52
CA CYS A 478 -29.44 12.86 -19.71
C CYS A 478 -28.73 13.33 -21.00
N LYS A 479 -27.81 14.30 -20.89
CA LYS A 479 -27.01 14.79 -22.04
C LYS A 479 -26.05 13.73 -22.55
N SER A 480 -25.75 12.71 -21.73
CA SER A 480 -24.80 11.67 -22.08
C SER A 480 -25.43 10.37 -22.58
N LEU A 481 -26.78 10.31 -22.70
CA LEU A 481 -27.51 9.08 -23.08
C LEU A 481 -27.15 8.40 -24.41
N GLY A 482 -26.65 9.19 -25.36
CA GLY A 482 -26.21 8.66 -26.63
C GLY A 482 -24.76 8.17 -26.62
N ARG A 483 -24.07 8.29 -25.48
CA ARG A 483 -22.67 7.87 -25.41
C ARG A 483 -22.50 6.46 -24.89
N LYS A 484 -21.31 5.91 -25.10
CA LYS A 484 -20.90 4.65 -24.50
C LYS A 484 -19.55 4.94 -23.83
N ILE A 485 -19.17 4.15 -22.81
CA ILE A 485 -17.87 4.22 -22.16
C ILE A 485 -17.02 3.18 -22.89
N LEU A 486 -16.04 3.67 -23.64
CA LEU A 486 -15.19 2.85 -24.48
C LEU A 486 -13.70 2.85 -24.08
N ILE A 487 -13.35 3.58 -23.00
CA ILE A 487 -12.01 3.57 -22.42
C ILE A 487 -11.92 2.32 -21.50
N PRO A 488 -10.72 1.85 -21.08
CA PRO A 488 -10.67 0.63 -20.22
C PRO A 488 -11.43 0.85 -18.92
N ALA A 489 -12.27 -0.13 -18.56
CA ALA A 489 -13.17 -0.07 -17.40
C ALA A 489 -13.27 -1.37 -16.64
N LEU A 490 -13.37 -1.24 -15.30
CA LEU A 490 -13.48 -2.35 -14.39
C LEU A 490 -14.64 -2.09 -13.43
N MET A 491 -15.53 -3.08 -13.28
CA MET A 491 -16.63 -3.04 -12.32
C MET A 491 -16.36 -4.14 -11.27
N VAL A 492 -16.24 -3.78 -9.98
CA VAL A 492 -15.99 -4.74 -8.89
C VAL A 492 -17.25 -4.84 -8.02
N THR A 493 -17.90 -6.01 -7.99
CA THR A 493 -19.11 -6.16 -7.17
C THR A 493 -18.75 -6.81 -5.84
N ALA A 494 -19.57 -6.54 -4.81
CA ALA A 494 -19.40 -7.09 -3.47
C ALA A 494 -20.67 -7.87 -3.15
N GLU A 495 -20.53 -9.18 -3.02
CA GLU A 495 -21.58 -10.16 -2.79
C GLU A 495 -22.62 -9.72 -1.75
N LYS A 496 -22.14 -9.23 -0.62
CA LYS A 496 -22.97 -8.83 0.52
C LYS A 496 -23.21 -7.35 0.75
N ASP A 497 -23.00 -6.52 -0.29
CA ASP A 497 -23.41 -5.12 -0.17
C ASP A 497 -24.92 -5.20 -0.41
N PHE A 498 -25.73 -5.00 0.64
CA PHE A 498 -27.18 -5.10 0.52
C PHE A 498 -27.90 -3.89 -0.03
N VAL A 499 -27.16 -2.83 -0.40
CA VAL A 499 -27.70 -1.61 -1.00
C VAL A 499 -27.25 -1.56 -2.50
N LEU A 500 -25.93 -1.57 -2.72
CA LEU A 500 -25.33 -1.59 -4.05
C LEU A 500 -25.06 -3.06 -4.39
N VAL A 501 -26.17 -3.81 -4.64
CA VAL A 501 -26.13 -5.25 -4.88
C VAL A 501 -25.48 -5.59 -6.24
N PRO A 502 -24.71 -6.70 -6.31
CA PRO A 502 -24.08 -7.08 -7.58
C PRO A 502 -25.02 -7.10 -8.79
N GLN A 503 -26.28 -7.54 -8.57
CA GLN A 503 -27.34 -7.61 -9.58
C GLN A 503 -27.61 -6.27 -10.28
N MET A 504 -27.42 -5.13 -9.57
CA MET A 504 -27.66 -3.81 -10.15
C MET A 504 -26.72 -3.50 -11.33
N SER A 505 -25.57 -4.20 -11.41
CA SER A 505 -24.55 -4.02 -12.45
C SER A 505 -24.78 -4.91 -13.70
N GLN A 506 -25.75 -5.84 -13.64
CA GLN A 506 -26.04 -6.82 -14.69
C GLN A 506 -26.16 -6.33 -16.15
N HIS A 507 -26.62 -5.09 -16.38
CA HIS A 507 -26.75 -4.60 -17.76
C HIS A 507 -25.63 -3.68 -18.23
N MET A 508 -24.58 -3.51 -17.42
CA MET A 508 -23.51 -2.54 -17.73
C MET A 508 -22.83 -2.74 -19.10
N GLU A 509 -22.69 -4.00 -19.55
CA GLU A 509 -22.07 -4.28 -20.86
C GLU A 509 -22.80 -3.66 -22.04
N ASP A 510 -24.11 -3.33 -21.90
CA ASP A 510 -24.84 -2.63 -22.97
C ASP A 510 -24.25 -1.24 -23.27
N TRP A 511 -23.66 -0.58 -22.24
CA TRP A 511 -23.08 0.77 -22.28
C TRP A 511 -21.56 0.84 -22.22
N ILE A 512 -20.94 -0.23 -21.72
CA ILE A 512 -19.49 -0.37 -21.56
C ILE A 512 -19.18 -1.75 -22.15
N PRO A 513 -19.20 -1.90 -23.50
CA PRO A 513 -19.06 -3.26 -24.09
C PRO A 513 -17.80 -4.02 -23.74
N HIS A 514 -16.66 -3.32 -23.55
CA HIS A 514 -15.36 -3.93 -23.23
C HIS A 514 -15.09 -4.05 -21.70
N LEU A 515 -16.12 -3.81 -20.87
CA LEU A 515 -16.02 -3.86 -19.41
C LEU A 515 -15.33 -5.12 -18.87
N LYS A 516 -14.41 -4.95 -17.93
CA LYS A 516 -13.79 -6.06 -17.22
C LYS A 516 -14.44 -6.10 -15.84
N ARG A 517 -14.40 -7.27 -15.19
CA ARG A 517 -15.04 -7.43 -13.89
C ARG A 517 -14.19 -8.10 -12.86
N GLY A 518 -14.54 -7.82 -11.61
CA GLY A 518 -14.03 -8.44 -10.41
C GLY A 518 -15.21 -8.69 -9.50
N HIS A 519 -15.13 -9.69 -8.62
CA HIS A 519 -16.22 -9.97 -7.69
C HIS A 519 -15.62 -10.47 -6.41
N ILE A 520 -16.11 -9.94 -5.28
CA ILE A 520 -15.63 -10.30 -3.95
C ILE A 520 -16.73 -10.94 -3.10
N GLU A 521 -16.51 -12.19 -2.76
CA GLU A 521 -17.45 -12.91 -1.92
C GLU A 521 -17.29 -12.50 -0.48
N ASP A 522 -18.39 -12.63 0.29
CA ASP A 522 -18.50 -12.35 1.72
C ASP A 522 -17.97 -10.92 2.02
N CYS A 523 -18.30 -9.99 1.12
CA CYS A 523 -17.89 -8.60 1.22
C CYS A 523 -19.09 -7.70 1.32
N GLY A 524 -19.09 -6.85 2.34
CA GLY A 524 -20.15 -5.88 2.61
C GLY A 524 -19.89 -4.60 1.82
N HIS A 525 -20.54 -3.50 2.21
CA HIS A 525 -20.46 -2.20 1.58
C HIS A 525 -19.07 -1.56 1.63
N TRP A 526 -18.35 -1.74 2.77
CA TRP A 526 -17.05 -1.09 3.05
C TRP A 526 -15.90 -1.91 2.48
N THR A 527 -15.98 -2.15 1.16
CA THR A 527 -15.11 -3.02 0.39
C THR A 527 -13.60 -2.98 0.72
N GLN A 528 -13.00 -1.75 0.70
CA GLN A 528 -11.56 -1.58 0.89
C GLN A 528 -11.09 -2.07 2.24
N MET A 529 -11.89 -1.89 3.29
CA MET A 529 -11.48 -2.34 4.63
C MET A 529 -12.04 -3.70 4.98
N ASP A 530 -13.09 -4.14 4.28
CA ASP A 530 -13.69 -5.46 4.52
C ASP A 530 -12.76 -6.54 3.99
N LYS A 531 -12.39 -6.42 2.70
CA LYS A 531 -11.56 -7.38 1.96
C LYS A 531 -10.37 -6.67 1.29
N PRO A 532 -9.43 -6.06 2.06
CA PRO A 532 -8.30 -5.34 1.42
C PRO A 532 -7.38 -6.17 0.54
N THR A 533 -7.06 -7.40 0.94
CA THR A 533 -6.19 -8.27 0.15
C THR A 533 -6.81 -8.53 -1.21
N GLU A 534 -8.10 -8.89 -1.27
CA GLU A 534 -8.76 -9.19 -2.55
C GLU A 534 -8.89 -7.96 -3.41
N VAL A 535 -9.24 -6.82 -2.79
CA VAL A 535 -9.33 -5.53 -3.52
C VAL A 535 -7.98 -5.25 -4.19
N ASN A 536 -6.88 -5.36 -3.42
CA ASN A 536 -5.52 -5.08 -3.92
C ASN A 536 -5.14 -5.99 -5.09
N GLN A 537 -5.42 -7.30 -4.96
CA GLN A 537 -5.16 -8.27 -6.00
C GLN A 537 -5.93 -7.91 -7.32
N ILE A 538 -7.24 -7.63 -7.23
CA ILE A 538 -8.10 -7.25 -8.35
C ILE A 538 -7.60 -5.96 -9.02
N LEU A 539 -7.35 -4.92 -8.20
CA LEU A 539 -6.93 -3.65 -8.79
C LEU A 539 -5.58 -3.72 -9.46
N ILE A 540 -4.58 -4.35 -8.79
CA ILE A 540 -3.22 -4.46 -9.34
C ILE A 540 -3.22 -5.27 -10.65
N LYS A 541 -3.94 -6.42 -10.68
CA LYS A 541 -4.06 -7.23 -11.90
C LYS A 541 -4.63 -6.38 -13.05
N TRP A 542 -5.75 -5.69 -12.80
CA TRP A 542 -6.40 -4.84 -13.81
C TRP A 542 -5.50 -3.67 -14.26
N LEU A 543 -4.89 -2.93 -13.30
CA LEU A 543 -4.00 -1.80 -13.64
C LEU A 543 -2.85 -2.28 -14.53
N ASP A 544 -2.23 -3.41 -14.16
CA ASP A 544 -1.09 -3.93 -14.92
C ASP A 544 -1.44 -4.35 -16.35
N SER A 545 -2.67 -4.83 -16.58
CA SER A 545 -3.07 -5.25 -17.91
C SER A 545 -3.72 -4.18 -18.76
N ASP A 546 -4.47 -3.24 -18.12
CA ASP A 546 -5.28 -2.22 -18.79
C ASP A 546 -4.96 -0.74 -18.59
N ALA A 547 -4.18 -0.39 -17.54
CA ALA A 547 -3.87 1.02 -17.24
C ALA A 547 -2.42 1.37 -17.56
N ARG A 548 -1.76 0.39 -18.19
CA ARG A 548 -0.40 0.32 -18.74
C ARG A 548 0.01 1.56 -19.52
N ASN A 549 -0.72 1.99 -20.43
C1 PEG B . 7.77 5.36 5.33
O1 PEG B . 7.01 5.49 4.07
C2 PEG B . 9.25 5.59 5.18
O2 PEG B . 10.02 4.35 5.38
C3 PEG B . 11.07 4.02 4.51
C4 PEG B . 10.47 3.42 3.24
O4 PEG B . 11.33 2.99 2.25
C1 PEG C . -21.81 22.85 9.41
O1 PEG C . -23.00 23.57 9.48
C2 PEG C . -20.90 23.05 10.56
O2 PEG C . -21.35 22.36 11.73
C3 PEG C . -21.05 20.94 11.84
C4 PEG C . -19.67 20.60 12.33
O4 PEG C . -19.76 19.45 13.14
S SO4 D . -8.15 -4.42 12.08
O1 SO4 D . -6.71 -4.29 12.30
O2 SO4 D . -8.85 -3.44 12.85
O3 SO4 D . -8.45 -4.23 10.66
O4 SO4 D . -8.59 -5.76 12.48
S SO4 E . 29.30 -13.64 -18.04
O1 SO4 E . 30.22 -13.00 -17.10
O2 SO4 E . 29.52 -15.09 -18.01
O3 SO4 E . 27.92 -13.32 -17.66
O4 SO4 E . 29.56 -13.13 -19.40
S DMS F . 13.63 3.20 7.72
O DMS F . 14.24 2.12 8.58
C1 DMS F . 14.78 4.59 7.88
C2 DMS F . 12.24 3.86 8.70
S DMS G . -24.31 5.85 -4.56
O DMS G . -24.15 6.14 -3.13
C1 DMS G . -23.07 6.55 -5.59
C2 DMS G . -25.68 6.79 -5.23
C1 JF6 H . -24.56 11.48 -10.99
C2 JF6 H . -25.09 11.57 -12.31
C6 JF6 H . -25.37 11.02 -9.93
C3 JF6 H . -26.39 11.18 -12.54
C5 JF6 H . -26.70 10.63 -10.17
C4 JF6 H . -27.22 10.72 -11.50
C7 JF6 H . -28.58 10.36 -11.81
C8 JF6 H . -29.79 10.85 -11.14
N11 JF6 H . -28.94 9.49 -12.81
N9 JF6 H . -30.84 10.25 -11.75
N12 JF6 H . -29.80 11.75 -10.07
O10 JF6 H . -30.31 9.43 -12.75
#